data_3RKE
#
_entry.id   3RKE
#
_cell.length_a   53.980
_cell.length_b   80.530
_cell.length_c   76.160
_cell.angle_alpha   90.00
_cell.angle_beta   103.07
_cell.angle_gamma   90.00
#
_symmetry.space_group_name_H-M   'P 1 21 1'
#
loop_
_entity.id
_entity.type
_entity.pdbx_description
1 polymer Lactoperoxidase
2 branched 2-acetamido-2-deoxy-beta-D-glucopyranose-(1-4)-2-acetamido-2-deoxy-beta-D-glucopyranose
3 non-polymer 2-acetamido-2-deoxy-beta-D-glucopyranose
4 non-polymer 'CALCIUM ION'
5 non-polymer 'PROTOPORPHYRIN IX CONTAINING FE'
6 non-polymer 'IODIDE ION'
7 non-polymer 1,2-ETHANEDIOL
8 non-polymer (4-aminophenyl)-imidazol-1-yl-methanone
9 water water
#
_entity_poly.entity_id   1
_entity_poly.type   'polypeptide(L)'
_entity_poly.pdbx_seq_one_letter_code
;SWEVGCGAPVPLVTCDEQSPYRTITGDCNNRRSPALGAANRALARWLPAEYEDGLAVPFGWTQRKTRNGFRVPLAREVSN
KIVGYLDEEGVLDQNRSLLFMQWGQIVDHDLDFAPETELGSSEHSKVQCEEYCVQGDECFPIMFPKNDPKLKTQGKCMPF
FRAGFVCPTPPYQSLARDQINAVTSFLDASLVYGSEP(SEP)LASRLRNLSSPLGLMAVNQEAWDHGLAYPPFNNVKPSP
CEFINTTAHVPCFQAGDSRASEQILLATVHTLLLREHNRLARELKRLNPHWDGEMLYQEARKILGAFIQIITFRDYLPIV
LGSEMQKWIPPYQGYNNSVDPRISNVFTFAFRFGHMEVPSTVSRLDENYQPWGPEAELPLHTLFFNTWRIIKDGGIDPLV
RGLLAKNSKLMNQNKMVTSELRNKLFQPTHKVHGFDLAAINLQRCRDHGMPGYNSWRGFCGLSQPKTLKGLQAVLKNKVL
AKKLLDLYKTPDNIDIWIGGNAEPMVERGRVGPLLACLLGRQFQQIRDGDRFWWENPGVFTEKQRDSLQKVSFSRLICDN
THITKVPLHAFQANNYPHDFVDCSAVDKLDLSPWASREN
;
_entity_poly.pdbx_strand_id   A
#
# COMPACT_ATOMS: atom_id res chain seq x y z
N SER A 1 -27.88 -1.90 14.09
CA SER A 1 -28.57 -2.16 15.39
C SER A 1 -28.28 -3.55 15.95
N TRP A 2 -27.74 -4.44 15.09
CA TRP A 2 -27.37 -5.79 15.53
C TRP A 2 -25.88 -5.96 15.77
N GLU A 3 -25.58 -6.65 16.86
CA GLU A 3 -24.22 -6.81 17.37
C GLU A 3 -23.41 -5.51 17.36
N VAL A 4 -23.75 -4.64 18.31
CA VAL A 4 -23.12 -3.34 18.48
C VAL A 4 -21.66 -3.50 18.94
N GLY A 5 -21.39 -4.58 19.66
CA GLY A 5 -20.02 -4.90 20.05
C GLY A 5 -19.69 -6.32 19.65
N CYS A 6 -19.64 -6.59 18.35
CA CYS A 6 -19.28 -7.92 17.86
C CYS A 6 -17.79 -8.01 17.55
N GLY A 7 -17.25 -9.24 17.65
CA GLY A 7 -15.86 -9.53 17.26
C GLY A 7 -15.14 -10.61 18.05
N ALA A 8 -14.23 -11.30 17.38
CA ALA A 8 -13.25 -12.17 18.03
C ALA A 8 -11.91 -11.47 17.89
N PRO A 9 -11.62 -10.50 18.80
CA PRO A 9 -10.57 -9.49 18.66
C PRO A 9 -9.24 -9.89 19.31
N VAL A 10 -8.30 -8.94 19.37
CA VAL A 10 -7.11 -9.06 20.22
C VAL A 10 -7.54 -8.64 21.63
N PRO A 11 -7.92 -9.62 22.47
CA PRO A 11 -8.84 -9.38 23.59
C PRO A 11 -8.27 -8.55 24.76
N LEU A 12 -7.32 -9.14 25.51
CA LEU A 12 -6.82 -8.56 26.76
C LEU A 12 -5.89 -7.33 26.57
N VAL A 13 -6.45 -6.27 25.96
CA VAL A 13 -5.70 -5.02 25.73
C VAL A 13 -6.21 -3.89 26.62
N THR A 14 -5.42 -3.54 27.63
CA THR A 14 -5.72 -2.42 28.49
C THR A 14 -4.73 -1.31 28.15
N CYS A 15 -4.87 -0.17 28.82
CA CYS A 15 -4.18 1.05 28.41
C CYS A 15 -3.38 1.74 29.52
N ASP A 16 -2.23 2.30 29.16
CA ASP A 16 -1.48 3.24 30.00
C ASP A 16 -1.94 4.66 29.71
N GLU A 17 -2.27 5.39 30.76
CA GLU A 17 -2.98 6.66 30.63
C GLU A 17 -2.07 7.75 30.07
N GLN A 18 -0.83 7.78 30.56
CA GLN A 18 0.13 8.82 30.17
C GLN A 18 1.37 8.22 29.48
N SER A 19 1.21 7.09 28.79
CA SER A 19 2.29 6.50 28.00
C SER A 19 2.63 7.39 26.80
N PRO A 20 3.92 7.74 26.63
CA PRO A 20 4.38 8.66 25.59
C PRO A 20 4.61 8.00 24.22
N TYR A 21 4.25 6.72 24.10
CA TYR A 21 4.41 5.97 22.85
C TYR A 21 3.13 5.28 22.43
N ARG A 22 2.98 5.07 21.11
CA ARG A 22 1.83 4.37 20.57
C ARG A 22 2.00 2.92 20.94
N THR A 23 0.90 2.18 20.98
CA THR A 23 1.03 0.73 21.06
C THR A 23 1.42 0.24 19.66
N ILE A 24 1.96 -0.97 19.59
CA ILE A 24 2.21 -1.64 18.33
C ILE A 24 0.90 -1.86 17.59
N THR A 25 -0.12 -2.29 18.33
CA THR A 25 -1.37 -2.67 17.72
C THR A 25 -2.25 -1.46 17.37
N GLY A 26 -1.79 -0.27 17.73
CA GLY A 26 -2.52 0.98 17.48
C GLY A 26 -3.62 1.23 18.51
N ASP A 27 -3.79 0.27 19.40
CA ASP A 27 -4.72 0.38 20.52
C ASP A 27 -4.43 1.58 21.43
N CYS A 28 -5.46 2.02 22.15
CA CYS A 28 -5.30 3.07 23.17
C CYS A 28 -4.92 4.44 22.62
N ASN A 29 -5.19 4.65 21.33
CA ASN A 29 -4.96 5.94 20.68
C ASN A 29 -6.10 6.85 21.08
N ASN A 30 -7.31 6.45 20.74
CA ASN A 30 -8.50 7.15 21.20
C ASN A 30 -8.80 6.71 22.63
N ARG A 31 -9.12 7.67 23.50
CA ARG A 31 -9.36 7.34 24.91
C ARG A 31 -10.79 6.92 25.21
N ARG A 32 -11.76 7.59 24.61
CA ARG A 32 -13.17 7.23 24.79
C ARG A 32 -13.50 5.89 24.12
N SER A 33 -12.78 5.56 23.04
CA SER A 33 -12.99 4.30 22.32
C SER A 33 -11.67 3.70 21.83
N PRO A 34 -10.92 3.01 22.71
CA PRO A 34 -9.50 2.68 22.46
C PRO A 34 -9.21 1.63 21.38
N ALA A 35 -10.24 1.01 20.82
CA ALA A 35 -10.07 0.01 19.76
C ALA A 35 -10.14 0.66 18.36
N LEU A 36 -10.40 1.97 18.33
CA LEU A 36 -10.61 2.72 17.09
C LEU A 36 -9.23 2.98 16.45
N GLY A 37 -9.04 2.44 15.23
CA GLY A 37 -7.80 2.59 14.48
C GLY A 37 -6.88 1.39 14.64
N ALA A 38 -7.25 0.49 15.56
CA ALA A 38 -6.40 -0.66 15.92
C ALA A 38 -6.41 -1.77 14.87
N ALA A 39 -5.28 -2.42 14.68
CA ALA A 39 -5.18 -3.58 13.79
C ALA A 39 -6.09 -4.72 14.22
N ASN A 40 -6.45 -5.53 13.25
CA ASN A 40 -7.31 -6.66 13.44
C ASN A 40 -8.73 -6.43 13.89
N ARG A 41 -9.29 -5.29 13.51
CA ARG A 41 -10.74 -5.01 13.60
C ARG A 41 -11.33 -4.89 12.19
N ALA A 42 -12.64 -4.65 12.13
CA ALA A 42 -13.33 -4.49 10.85
C ALA A 42 -12.88 -3.23 10.19
N LEU A 43 -12.85 -3.24 8.86
CA LEU A 43 -12.69 -2.00 8.10
C LEU A 43 -13.93 -1.15 8.33
N ALA A 44 -13.76 0.17 8.41
CA ALA A 44 -14.90 1.10 8.59
C ALA A 44 -15.80 1.12 7.34
N ARG A 45 -17.11 1.13 7.53
CA ARG A 45 -18.04 1.25 6.41
C ARG A 45 -18.55 2.67 6.36
N TRP A 46 -18.04 3.46 5.41
CA TRP A 46 -18.60 4.75 5.13
C TRP A 46 -20.01 4.66 4.55
N LEU A 47 -20.31 3.56 3.83
CA LEU A 47 -21.65 3.27 3.33
C LEU A 47 -22.07 1.79 3.54
N PRO A 48 -23.38 1.52 3.67
CA PRO A 48 -23.76 0.12 3.87
C PRO A 48 -23.28 -0.79 2.74
N ALA A 49 -22.64 -1.90 3.13
CA ALA A 49 -22.20 -2.90 2.17
C ALA A 49 -23.32 -3.34 1.27
N GLU A 50 -22.99 -3.67 0.04
CA GLU A 50 -23.96 -4.24 -0.90
C GLU A 50 -23.50 -5.59 -1.38
N TYR A 51 -24.18 -6.62 -0.91
CA TYR A 51 -23.93 -7.97 -1.32
C TYR A 51 -25.11 -8.47 -2.11
N GLU A 52 -24.87 -9.50 -2.90
CA GLU A 52 -25.90 -10.13 -3.72
C GLU A 52 -27.12 -10.42 -2.86
N ASP A 53 -26.88 -10.98 -1.66
CA ASP A 53 -27.94 -11.39 -0.74
C ASP A 53 -28.07 -10.44 0.43
N GLY A 54 -27.61 -9.21 0.26
CA GLY A 54 -27.58 -8.22 1.33
C GLY A 54 -26.67 -8.52 2.52
N LEU A 55 -26.08 -9.72 2.61
CA LEU A 55 -25.36 -10.14 3.83
C LEU A 55 -23.87 -10.39 3.56
N ALA A 56 -23.55 -11.36 2.71
CA ALA A 56 -22.15 -11.76 2.49
C ALA A 56 -21.79 -12.21 1.07
N VAL A 57 -22.78 -12.66 0.30
CA VAL A 57 -22.54 -13.20 -1.03
C VAL A 57 -22.19 -12.10 -2.04
N PRO A 58 -21.09 -12.27 -2.79
CA PRO A 58 -20.63 -11.19 -3.66
C PRO A 58 -21.46 -11.07 -4.92
N PHE A 59 -21.55 -9.87 -5.49
CA PHE A 59 -22.25 -9.71 -6.76
C PHE A 59 -21.47 -10.43 -7.85
N GLY A 60 -22.14 -11.25 -8.63
CA GLY A 60 -21.45 -12.12 -9.58
C GLY A 60 -21.30 -13.52 -9.04
N TRP A 61 -21.65 -13.72 -7.77
CA TRP A 61 -21.60 -15.05 -7.19
C TRP A 61 -22.62 -15.99 -7.85
N THR A 62 -23.83 -15.49 -8.07
CA THR A 62 -24.96 -16.24 -8.63
C THR A 62 -25.34 -15.77 -10.04
N GLN A 63 -25.25 -16.69 -11.02
CA GLN A 63 -25.63 -16.44 -12.42
C GLN A 63 -26.90 -15.57 -12.59
N ARG A 64 -28.04 -16.14 -12.19
CA ARG A 64 -29.37 -15.55 -12.37
C ARG A 64 -29.60 -14.23 -11.61
N LYS A 65 -28.72 -13.90 -10.69
CA LYS A 65 -28.91 -12.74 -9.81
C LYS A 65 -28.29 -11.48 -10.39
N THR A 66 -29.12 -10.49 -10.67
CA THR A 66 -28.69 -9.26 -11.32
C THR A 66 -28.44 -8.14 -10.32
N ARG A 67 -27.61 -7.19 -10.73
CA ARG A 67 -27.44 -5.95 -9.98
C ARG A 67 -28.16 -4.83 -10.74
N ASN A 68 -29.21 -4.28 -10.14
CA ASN A 68 -30.08 -3.31 -10.78
C ASN A 68 -30.60 -3.78 -12.14
N GLY A 69 -30.89 -5.07 -12.25
CA GLY A 69 -31.52 -5.62 -13.44
C GLY A 69 -30.55 -6.01 -14.53
N PHE A 70 -29.27 -6.19 -14.16
CA PHE A 70 -28.23 -6.61 -15.10
C PHE A 70 -27.21 -7.53 -14.46
N ARG A 71 -26.76 -8.52 -15.23
CA ARG A 71 -25.61 -9.36 -14.90
C ARG A 71 -24.38 -8.47 -14.85
N VAL A 72 -23.56 -8.64 -13.81
CA VAL A 72 -22.28 -7.93 -13.74
C VAL A 72 -21.29 -8.69 -14.66
N PRO A 73 -20.46 -7.95 -15.42
CA PRO A 73 -19.52 -8.60 -16.34
C PRO A 73 -18.39 -9.29 -15.57
N LEU A 74 -17.78 -10.31 -16.18
CA LEU A 74 -16.62 -10.96 -15.57
C LEU A 74 -15.48 -9.97 -15.35
N ALA A 75 -14.81 -10.07 -14.22
CA ALA A 75 -13.68 -9.18 -13.91
C ALA A 75 -12.58 -9.21 -14.97
N ARG A 76 -12.15 -10.40 -15.37
CA ARG A 76 -11.11 -10.55 -16.42
C ARG A 76 -11.54 -9.99 -17.80
N GLU A 77 -12.84 -9.91 -18.03
CA GLU A 77 -13.34 -9.29 -19.25
C GLU A 77 -13.27 -7.78 -19.17
N VAL A 78 -13.70 -7.20 -18.05
CA VAL A 78 -13.42 -5.78 -17.83
C VAL A 78 -11.92 -5.58 -18.01
N SER A 79 -11.11 -6.44 -17.39
CA SER A 79 -9.66 -6.33 -17.53
C SER A 79 -9.23 -6.23 -19.00
N ASN A 80 -9.65 -7.20 -19.82
CA ASN A 80 -9.21 -7.33 -21.20
C ASN A 80 -9.69 -6.22 -22.09
N LYS A 81 -10.96 -5.89 -21.95
CA LYS A 81 -11.58 -4.95 -22.85
C LYS A 81 -11.25 -3.50 -22.51
N ILE A 82 -10.87 -3.23 -21.26
CA ILE A 82 -10.71 -1.87 -20.81
C ILE A 82 -9.29 -1.59 -20.32
N VAL A 83 -8.77 -2.48 -19.48
CA VAL A 83 -7.62 -2.15 -18.64
C VAL A 83 -6.28 -2.38 -19.34
N GLY A 84 -6.27 -3.24 -20.35
CA GLY A 84 -5.02 -3.64 -20.98
C GLY A 84 -4.54 -2.72 -22.07
N TYR A 85 -3.27 -2.91 -22.43
CA TYR A 85 -2.64 -2.26 -23.60
C TYR A 85 -1.33 -2.97 -24.00
N LEU A 86 -0.93 -2.81 -25.27
CA LEU A 86 0.31 -3.42 -25.79
C LEU A 86 1.55 -2.53 -25.76
N ASP A 87 1.37 -1.22 -25.98
CA ASP A 87 2.48 -0.32 -26.30
C ASP A 87 2.92 0.51 -25.10
N GLU A 88 4.15 0.26 -24.66
CA GLU A 88 4.72 0.89 -23.50
C GLU A 88 5.53 2.14 -23.84
N GLU A 89 5.49 2.56 -25.11
CA GLU A 89 6.08 3.84 -25.53
C GLU A 89 5.05 4.89 -25.23
N GLY A 90 5.51 6.05 -24.74
CA GLY A 90 4.59 7.16 -24.49
C GLY A 90 3.81 7.14 -23.19
N VAL A 91 4.03 6.11 -22.36
CA VAL A 91 3.28 5.91 -21.11
C VAL A 91 3.93 6.52 -19.85
N LEU A 92 5.15 7.02 -19.98
CA LEU A 92 5.86 7.51 -18.80
C LEU A 92 5.44 8.90 -18.33
N ASP A 93 5.47 9.11 -17.03
CA ASP A 93 4.96 10.32 -16.45
C ASP A 93 6.10 11.30 -16.44
N GLN A 94 5.95 12.34 -17.26
CA GLN A 94 7.00 13.32 -17.52
C GLN A 94 7.40 14.15 -16.30
N ASN A 95 6.56 14.16 -15.28
CA ASN A 95 6.83 14.92 -14.06
C ASN A 95 6.55 14.17 -12.75
N ARG A 96 6.70 12.85 -12.77
CA ARG A 96 6.70 12.01 -11.56
C ARG A 96 7.79 10.95 -11.58
N SER A 97 8.63 10.90 -10.56
CA SER A 97 9.60 9.83 -10.46
C SER A 97 8.93 8.48 -10.15
N LEU A 98 9.68 7.42 -10.39
CA LEU A 98 9.28 6.08 -10.03
C LEU A 98 9.14 5.97 -8.50
N LEU A 99 9.85 6.83 -7.80
CA LEU A 99 9.70 6.86 -6.37
C LEU A 99 8.28 7.27 -5.97
N PHE A 100 7.65 8.14 -6.78
CA PHE A 100 6.27 8.55 -6.58
C PHE A 100 5.36 7.34 -6.44
N MET A 101 5.51 6.42 -7.39
CA MET A 101 4.81 5.15 -7.31
C MET A 101 5.17 4.47 -5.99
N GLN A 102 6.45 4.39 -5.67
CA GLN A 102 6.89 3.59 -4.55
C GLN A 102 6.40 4.05 -3.17
N TRP A 103 6.31 5.36 -2.97
CA TRP A 103 5.86 5.86 -1.69
C TRP A 103 4.39 5.51 -1.50
N GLY A 104 3.62 5.68 -2.56
CA GLY A 104 2.24 5.26 -2.56
C GLY A 104 2.03 3.89 -1.94
N GLN A 105 2.80 2.90 -2.42
CA GLN A 105 2.71 1.50 -1.98
C GLN A 105 3.11 1.34 -0.52
N ILE A 106 4.17 2.03 -0.14
CA ILE A 106 4.59 2.10 1.25
C ILE A 106 3.49 2.63 2.18
N VAL A 107 3.06 3.86 1.91
CA VAL A 107 2.01 4.53 2.66
C VAL A 107 0.83 3.58 2.79
N ASP A 108 0.42 3.05 1.64
CA ASP A 108 -0.72 2.17 1.61
C ASP A 108 -0.49 1.01 2.56
N HIS A 109 0.70 0.42 2.51
CA HIS A 109 0.95 -0.79 3.29
C HIS A 109 0.97 -0.51 4.79
N ASP A 110 1.36 0.70 5.16
CA ASP A 110 1.27 1.16 6.55
C ASP A 110 -0.18 1.31 6.99
N LEU A 111 -1.08 1.54 6.05
CA LEU A 111 -2.48 1.86 6.40
C LEU A 111 -3.41 0.68 6.46
N ASP A 112 -3.31 -0.20 5.46
CA ASP A 112 -4.29 -1.27 5.32
C ASP A 112 -3.75 -2.60 4.77
N PHE A 113 -4.42 -3.68 5.16
CA PHE A 113 -4.16 -4.99 4.63
C PHE A 113 -5.35 -5.85 4.99
N ALA A 114 -6.04 -6.35 3.98
CA ALA A 114 -7.13 -7.29 4.20
C ALA A 114 -6.74 -8.63 3.60
N PRO A 115 -6.04 -9.46 4.39
CA PRO A 115 -5.55 -10.79 4.00
C PRO A 115 -6.67 -11.78 3.68
N GLU A 116 -6.46 -12.58 2.64
CA GLU A 116 -7.36 -13.68 2.36
C GLU A 116 -7.48 -14.62 3.55
N THR A 117 -8.70 -15.06 3.77
CA THR A 117 -8.97 -16.15 4.67
C THR A 117 -8.87 -17.41 3.82
N GLU A 118 -7.73 -18.10 3.94
CA GLU A 118 -7.64 -19.46 3.40
C GLU A 118 -7.91 -20.32 4.65
N LEU A 119 -7.04 -20.15 5.64
CA LEU A 119 -7.23 -20.67 7.00
C LEU A 119 -7.58 -22.16 7.03
N GLY A 120 -6.59 -22.95 6.63
CA GLY A 120 -6.60 -24.41 6.76
C GLY A 120 -5.16 -24.87 6.98
N SER A 121 -5.00 -25.89 7.83
CA SER A 121 -3.67 -26.46 8.13
C SER A 121 -3.17 -27.47 7.10
N SER A 122 -3.75 -28.68 7.13
CA SER A 122 -3.59 -29.70 6.09
C SER A 122 -4.94 -29.67 5.38
N GLU A 123 -4.99 -28.97 4.24
CA GLU A 123 -6.26 -28.65 3.56
C GLU A 123 -6.32 -29.02 2.07
N HIS A 124 -7.46 -29.60 1.67
CA HIS A 124 -7.72 -30.07 0.30
C HIS A 124 -8.16 -28.95 -0.67
N SER A 125 -8.99 -28.03 -0.17
CA SER A 125 -9.58 -26.96 -0.98
C SER A 125 -8.58 -25.88 -1.35
N LYS A 126 -7.35 -26.01 -0.82
CA LYS A 126 -6.23 -25.14 -1.17
C LYS A 126 -5.96 -25.23 -2.66
N VAL A 127 -5.58 -26.43 -3.09
CA VAL A 127 -5.22 -26.73 -4.46
C VAL A 127 -6.49 -27.01 -5.27
N GLN A 128 -7.56 -27.38 -4.56
CA GLN A 128 -8.85 -27.70 -5.19
C GLN A 128 -9.48 -26.51 -5.91
N CYS A 129 -9.41 -25.32 -5.31
CA CYS A 129 -9.85 -24.08 -5.95
C CYS A 129 -9.07 -23.80 -7.23
N GLU A 130 -7.74 -23.88 -7.11
CA GLU A 130 -6.82 -23.61 -8.22
C GLU A 130 -7.01 -24.62 -9.34
N GLU A 131 -7.03 -25.91 -8.99
CA GLU A 131 -7.08 -27.02 -9.97
C GLU A 131 -8.37 -27.12 -10.78
N TYR A 132 -9.50 -27.04 -10.09
CA TYR A 132 -10.77 -27.40 -10.69
C TYR A 132 -11.73 -26.23 -10.94
N CYS A 133 -11.40 -25.06 -10.38
CA CYS A 133 -12.13 -23.79 -10.63
C CYS A 133 -13.57 -23.84 -10.12
N VAL A 134 -13.75 -24.56 -9.00
CA VAL A 134 -15.05 -24.79 -8.42
C VAL A 134 -15.32 -23.77 -7.32
N GLN A 135 -16.15 -22.79 -7.66
CA GLN A 135 -16.60 -21.77 -6.73
C GLN A 135 -17.26 -22.39 -5.49
N GLY A 136 -16.98 -21.85 -4.32
CA GLY A 136 -17.59 -22.36 -3.12
C GLY A 136 -16.96 -21.86 -1.83
N ASP A 137 -17.84 -21.43 -0.91
CA ASP A 137 -17.46 -20.81 0.36
C ASP A 137 -16.44 -19.76 -0.01
N GLU A 138 -15.27 -19.82 0.61
CA GLU A 138 -14.23 -18.83 0.39
C GLU A 138 -13.42 -18.90 -0.91
N CYS A 139 -13.72 -19.87 -1.78
CA CYS A 139 -13.10 -19.96 -3.10
C CYS A 139 -13.99 -19.30 -4.16
N PHE A 140 -13.47 -18.25 -4.79
CA PHE A 140 -14.28 -17.35 -5.61
C PHE A 140 -13.50 -17.02 -6.87
N PRO A 141 -13.15 -18.05 -7.65
CA PRO A 141 -12.13 -17.95 -8.70
C PRO A 141 -12.52 -17.00 -9.82
N ILE A 142 -11.54 -16.31 -10.39
CA ILE A 142 -11.77 -15.38 -11.49
C ILE A 142 -11.80 -16.22 -12.78
N MET A 143 -12.99 -16.33 -13.38
CA MET A 143 -13.23 -17.16 -14.56
C MET A 143 -12.85 -16.39 -15.82
N PHE A 144 -12.21 -17.06 -16.78
CA PHE A 144 -11.96 -16.48 -18.11
C PHE A 144 -13.22 -16.21 -18.92
N PRO A 145 -13.21 -15.14 -19.75
CA PRO A 145 -14.26 -14.98 -20.74
C PRO A 145 -13.95 -15.84 -21.97
N LYS A 146 -14.97 -16.15 -22.77
CA LYS A 146 -14.78 -16.77 -24.09
C LYS A 146 -13.71 -16.05 -24.92
N ASN A 147 -12.83 -16.84 -25.54
CA ASN A 147 -11.79 -16.34 -26.45
C ASN A 147 -10.79 -15.39 -25.78
N ASP A 148 -10.24 -15.87 -24.67
CA ASP A 148 -9.25 -15.17 -23.86
C ASP A 148 -7.97 -16.01 -23.99
N PRO A 149 -6.85 -15.39 -24.39
CA PRO A 149 -5.62 -16.14 -24.54
C PRO A 149 -5.32 -17.07 -23.37
N LYS A 150 -5.51 -16.63 -22.12
CA LYS A 150 -5.19 -17.50 -20.97
C LYS A 150 -6.01 -18.81 -20.91
N LEU A 151 -7.14 -18.87 -21.59
CA LEU A 151 -7.86 -20.12 -21.76
C LEU A 151 -6.91 -21.14 -22.41
N LYS A 152 -6.24 -20.71 -23.47
CA LYS A 152 -5.38 -21.58 -24.27
C LYS A 152 -4.19 -22.09 -23.48
N THR A 153 -3.77 -21.36 -22.48
CA THR A 153 -2.47 -21.64 -21.85
C THR A 153 -2.50 -21.99 -20.35
N GLN A 154 -3.50 -21.47 -19.64
CA GLN A 154 -3.55 -21.55 -18.18
C GLN A 154 -4.66 -22.46 -17.62
N GLY A 155 -5.86 -22.38 -18.18
CA GLY A 155 -6.94 -23.24 -17.77
C GLY A 155 -8.24 -22.54 -17.97
N LYS A 156 -9.08 -22.59 -16.93
CA LYS A 156 -10.42 -21.98 -17.02
C LYS A 156 -10.60 -20.76 -16.12
N CYS A 157 -9.74 -20.67 -15.12
CA CYS A 157 -9.77 -19.59 -14.13
C CYS A 157 -8.38 -19.16 -13.63
N MET A 158 -8.35 -17.99 -13.01
CA MET A 158 -7.28 -17.66 -12.09
C MET A 158 -7.91 -17.75 -10.71
N PRO A 159 -7.17 -18.31 -9.75
CA PRO A 159 -7.81 -18.54 -8.46
C PRO A 159 -7.86 -17.30 -7.60
N PHE A 160 -8.76 -17.33 -6.62
CA PHE A 160 -9.10 -16.16 -5.80
C PHE A 160 -9.86 -16.62 -4.56
N PHE A 161 -9.45 -16.11 -3.41
CA PHE A 161 -10.04 -16.52 -2.17
C PHE A 161 -10.50 -15.29 -1.42
N ARG A 162 -11.73 -15.34 -0.93
CA ARG A 162 -12.37 -14.19 -0.29
C ARG A 162 -11.60 -13.69 0.93
N ALA A 163 -11.66 -12.38 1.18
CA ALA A 163 -10.92 -11.75 2.27
C ALA A 163 -11.40 -12.16 3.67
N GLY A 164 -10.52 -11.99 4.66
CA GLY A 164 -10.87 -12.24 6.05
C GLY A 164 -12.04 -11.39 6.51
N PHE A 165 -12.84 -11.94 7.41
CA PHE A 165 -13.98 -11.21 7.94
C PHE A 165 -14.19 -11.48 9.43
N VAL A 166 -14.67 -10.47 10.12
CA VAL A 166 -14.71 -10.39 11.58
C VAL A 166 -15.76 -11.30 12.24
N CYS A 167 -15.74 -11.35 13.58
CA CYS A 167 -16.66 -12.15 14.43
C CYS A 167 -16.51 -13.66 14.16
N PRO A 168 -17.65 -14.31 13.80
CA PRO A 168 -17.48 -15.64 13.23
C PRO A 168 -16.52 -15.57 12.05
N THR A 169 -15.28 -15.99 12.30
CA THR A 169 -14.24 -15.99 11.28
C THR A 169 -14.39 -17.20 10.35
N PRO A 170 -15.07 -18.28 10.80
CA PRO A 170 -15.49 -19.33 9.84
C PRO A 170 -16.87 -19.19 9.13
N PRO A 171 -17.98 -19.01 9.89
CA PRO A 171 -19.24 -18.71 9.18
C PRO A 171 -19.74 -17.26 9.37
N TYR A 172 -21.06 -17.08 9.33
CA TYR A 172 -21.71 -15.77 9.11
C TYR A 172 -23.22 -15.83 9.40
N GLN A 173 -23.84 -14.77 9.93
CA GLN A 173 -25.29 -14.80 10.24
C GLN A 173 -26.26 -13.69 9.76
N SER A 174 -26.36 -12.57 10.49
CA SER A 174 -27.45 -11.60 10.25
C SER A 174 -27.06 -10.12 10.08
N LEU A 175 -25.77 -9.83 10.23
CA LEU A 175 -25.27 -8.44 9.86
C LEU A 175 -24.37 -8.64 8.64
N ALA A 176 -24.31 -7.63 7.76
CA ALA A 176 -23.49 -7.70 6.54
C ALA A 176 -22.05 -8.07 6.84
N ARG A 177 -21.42 -8.81 5.92
CA ARG A 177 -20.01 -9.23 6.08
C ARG A 177 -19.05 -8.03 6.12
N ASP A 178 -18.11 -8.08 7.08
CA ASP A 178 -17.13 -7.03 7.17
C ASP A 178 -15.71 -7.54 7.24
N GLN A 179 -14.91 -7.03 6.31
CA GLN A 179 -13.52 -7.47 6.10
C GLN A 179 -12.57 -6.81 7.08
N ILE A 180 -11.52 -7.53 7.48
CA ILE A 180 -10.60 -7.06 8.52
C ILE A 180 -9.46 -6.21 7.98
N ASN A 181 -9.05 -5.23 8.76
CA ASN A 181 -7.80 -4.53 8.55
C ASN A 181 -6.73 -5.09 9.51
N ALA A 182 -5.79 -5.85 8.94
CA ALA A 182 -4.78 -6.56 9.70
C ALA A 182 -3.67 -5.64 10.22
N VAL A 183 -3.68 -4.37 9.81
CA VAL A 183 -2.66 -3.42 10.27
C VAL A 183 -3.35 -2.20 10.89
N THR A 184 -2.58 -1.35 11.59
CA THR A 184 -3.10 -0.15 12.24
C THR A 184 -3.42 0.97 11.24
N SER A 185 -4.58 1.61 11.44
CA SER A 185 -5.07 2.67 10.55
C SER A 185 -4.23 3.94 10.59
N PHE A 186 -3.34 4.04 11.57
CA PHE A 186 -2.54 5.26 11.79
C PHE A 186 -1.26 5.13 10.98
N LEU A 187 -0.72 6.27 10.59
CA LEU A 187 0.47 6.37 9.81
C LEU A 187 1.62 6.40 10.80
N ASP A 188 2.06 5.21 11.18
CA ASP A 188 2.85 5.00 12.39
C ASP A 188 4.03 4.06 12.16
N ALA A 189 4.41 3.90 10.91
CA ALA A 189 5.49 2.98 10.53
C ALA A 189 5.22 1.49 10.87
N SER A 190 3.93 1.13 10.93
CA SER A 190 3.57 -0.23 11.26
C SER A 190 4.22 -1.21 10.28
N LEU A 191 4.66 -0.70 9.14
CA LEU A 191 5.28 -1.58 8.15
C LEU A 191 6.75 -1.87 8.49
N VAL A 192 7.34 -1.03 9.34
CA VAL A 192 8.69 -1.29 9.84
C VAL A 192 8.66 -2.09 11.13
N TYR A 193 7.70 -1.82 12.01
CA TYR A 193 7.76 -2.40 13.36
C TYR A 193 6.84 -3.60 13.57
N GLY A 194 5.77 -3.71 12.77
CA GLY A 194 4.75 -4.74 12.96
C GLY A 194 3.49 -4.14 13.54
N SER A 195 2.43 -4.92 13.53
CA SER A 195 1.13 -4.52 14.14
C SER A 195 0.71 -5.61 15.12
N GLU A 196 1.67 -6.46 15.44
CA GLU A 196 1.47 -7.48 16.45
C GLU A 196 2.70 -7.51 17.35
N PRO A 197 2.46 -7.59 18.69
CA PRO A 197 3.58 -7.57 19.64
C PRO A 197 4.48 -8.78 19.36
N LEU A 199 4.95 -10.25 16.31
CA LEU A 199 5.90 -9.86 15.25
C LEU A 199 6.87 -8.76 15.68
N ALA A 200 6.34 -7.76 16.38
CA ALA A 200 7.12 -6.59 16.74
C ALA A 200 8.42 -6.97 17.42
N SER A 201 8.36 -7.95 18.31
CA SER A 201 9.56 -8.40 19.03
C SER A 201 10.45 -9.36 18.22
N ARG A 202 9.85 -10.32 17.50
CA ARG A 202 10.61 -11.20 16.60
C ARG A 202 11.42 -10.43 15.59
N LEU A 203 11.16 -9.12 15.50
CA LEU A 203 11.86 -8.18 14.59
C LEU A 203 12.93 -7.36 15.30
N ARG A 204 12.90 -7.33 16.64
CA ARG A 204 13.82 -6.49 17.42
C ARG A 204 15.15 -7.22 17.71
N ASN A 205 16.21 -6.44 17.92
CA ASN A 205 17.45 -6.97 18.47
C ASN A 205 17.46 -6.82 19.99
N LEU A 206 16.97 -7.88 20.64
CA LEU A 206 16.89 -7.94 22.09
C LEU A 206 18.15 -8.57 22.74
N SER A 207 19.21 -8.69 21.94
CA SER A 207 20.44 -9.33 22.37
C SER A 207 21.43 -8.31 22.88
N SER A 208 21.22 -7.04 22.54
CA SER A 208 22.05 -5.94 23.04
C SER A 208 21.20 -4.68 23.20
N PRO A 209 21.10 -4.16 24.43
CA PRO A 209 20.29 -2.96 24.76
C PRO A 209 20.71 -1.63 24.10
N LEU A 210 20.71 -1.59 22.77
CA LEU A 210 20.87 -0.33 22.02
C LEU A 210 19.59 0.07 21.30
N GLY A 211 18.58 -0.80 21.39
CA GLY A 211 17.25 -0.55 20.82
C GLY A 211 17.23 -0.57 19.30
N LEU A 212 18.15 -1.33 18.72
CA LEU A 212 18.21 -1.45 17.29
C LEU A 212 17.20 -2.48 16.82
N MET A 213 16.84 -2.39 15.54
CA MET A 213 16.07 -3.42 14.88
C MET A 213 17.04 -4.50 14.45
N ALA A 214 16.65 -5.75 14.65
CA ALA A 214 17.43 -6.92 14.25
C ALA A 214 17.80 -6.85 12.79
N VAL A 215 19.06 -7.15 12.46
CA VAL A 215 19.52 -7.10 11.08
C VAL A 215 19.91 -8.46 10.51
N ASN A 216 20.38 -8.43 9.26
CA ASN A 216 20.81 -9.61 8.57
C ASN A 216 22.27 -9.89 8.88
N GLN A 217 22.58 -11.16 9.11
CA GLN A 217 23.93 -11.54 9.50
C GLN A 217 24.60 -12.37 8.42
N GLU A 218 23.77 -13.04 7.61
CA GLU A 218 24.22 -13.73 6.43
C GLU A 218 24.85 -12.77 5.40
N ALA A 219 24.25 -11.61 5.17
CA ALA A 219 24.68 -10.73 4.06
C ALA A 219 24.71 -9.23 4.35
N TRP A 220 25.56 -8.49 3.62
CA TRP A 220 25.77 -7.05 3.84
C TRP A 220 25.83 -6.16 2.59
N ASP A 221 25.59 -4.87 2.77
CA ASP A 221 25.59 -3.89 1.67
C ASP A 221 26.66 -2.83 1.93
N HIS A 222 27.90 -3.14 1.55
CA HIS A 222 29.05 -2.27 1.82
C HIS A 222 29.04 -1.81 3.27
N GLY A 223 28.89 -2.77 4.19
CA GLY A 223 28.72 -2.46 5.62
C GLY A 223 27.46 -1.66 5.91
N LEU A 224 26.39 -1.94 5.17
CA LEU A 224 25.08 -1.38 5.50
C LEU A 224 24.07 -2.52 5.64
N ALA A 225 23.13 -2.33 6.55
CA ALA A 225 22.19 -3.37 6.95
C ALA A 225 21.24 -3.84 5.84
N TYR A 226 20.85 -5.09 5.91
CA TYR A 226 19.73 -5.62 5.16
C TYR A 226 18.65 -6.04 6.17
N PRO A 227 17.38 -6.01 5.76
CA PRO A 227 16.41 -6.65 6.65
C PRO A 227 16.72 -8.15 6.77
N PRO A 228 16.46 -8.75 7.95
CA PRO A 228 16.68 -10.18 8.12
C PRO A 228 15.80 -11.00 7.23
N PHE A 229 16.19 -12.23 6.94
CA PHE A 229 15.37 -13.09 6.13
C PHE A 229 14.18 -13.57 6.91
N ASN A 230 13.13 -13.97 6.21
CA ASN A 230 12.01 -14.63 6.83
C ASN A 230 12.17 -16.12 6.61
N ASN A 231 12.68 -16.81 7.61
CA ASN A 231 13.00 -18.24 7.44
C ASN A 231 11.81 -19.20 7.42
N VAL A 232 10.62 -18.66 7.16
CA VAL A 232 9.42 -19.46 6.87
C VAL A 232 9.54 -20.08 5.49
N LYS A 233 9.11 -21.33 5.39
CA LYS A 233 9.06 -22.08 4.14
C LYS A 233 7.67 -22.70 4.11
N PRO A 234 7.01 -22.74 2.94
CA PRO A 234 7.45 -22.35 1.59
C PRO A 234 7.67 -20.83 1.42
N SER A 235 8.87 -20.47 0.98
CA SER A 235 9.24 -19.09 0.66
C SER A 235 9.13 -18.86 -0.84
N PRO A 236 8.42 -17.78 -1.25
CA PRO A 236 8.22 -17.53 -2.69
C PRO A 236 9.46 -16.91 -3.31
N CYS A 237 10.26 -16.25 -2.49
CA CYS A 237 11.46 -15.61 -3.00
C CYS A 237 12.50 -16.65 -3.32
N GLU A 238 12.38 -17.81 -2.67
CA GLU A 238 13.15 -18.99 -3.05
C GLU A 238 12.55 -19.66 -4.27
N PHE A 239 11.21 -19.66 -4.36
CA PHE A 239 10.51 -20.28 -5.49
C PHE A 239 10.83 -19.62 -6.86
N ILE A 240 11.20 -18.34 -6.86
CA ILE A 240 11.41 -17.64 -8.15
C ILE A 240 12.78 -17.88 -8.80
N ASN A 241 13.73 -18.36 -7.99
CA ASN A 241 15.01 -18.87 -8.44
C ASN A 241 15.59 -19.87 -7.41
N THR A 242 15.38 -21.16 -7.66
CA THR A 242 15.77 -22.21 -6.69
C THR A 242 17.29 -22.38 -6.54
N THR A 243 18.05 -21.82 -7.47
CA THR A 243 19.48 -21.95 -7.47
C THR A 243 20.10 -20.98 -6.48
N ALA A 244 19.63 -19.73 -6.51
CA ALA A 244 20.12 -18.72 -5.56
C ALA A 244 19.72 -19.00 -4.10
N HIS A 245 18.57 -19.67 -3.91
CA HIS A 245 18.08 -20.05 -2.58
C HIS A 245 18.02 -18.85 -1.62
N VAL A 246 17.52 -17.72 -2.10
CA VAL A 246 17.46 -16.48 -1.29
C VAL A 246 16.02 -16.17 -0.87
N PRO A 247 15.75 -16.17 0.45
CA PRO A 247 14.35 -16.06 0.86
C PRO A 247 13.89 -14.62 0.87
N CYS A 248 12.60 -14.45 1.14
CA CYS A 248 11.98 -13.16 1.32
C CYS A 248 12.52 -12.55 2.60
N PHE A 249 12.43 -11.23 2.68
CA PHE A 249 12.87 -10.49 3.84
C PHE A 249 11.82 -10.50 4.94
N GLN A 250 12.21 -10.07 6.14
CA GLN A 250 11.30 -9.99 7.28
C GLN A 250 11.13 -8.57 7.74
N ALA A 251 9.91 -8.07 7.54
CA ALA A 251 9.58 -6.70 7.89
C ALA A 251 8.33 -6.67 8.79
N GLY A 252 8.04 -5.48 9.31
CA GLY A 252 6.83 -5.23 10.08
C GLY A 252 5.54 -5.50 9.31
N ASP A 253 5.63 -5.38 7.98
CA ASP A 253 4.54 -5.72 7.09
C ASP A 253 4.95 -6.94 6.30
N SER A 254 4.01 -7.84 6.07
CA SER A 254 4.32 -9.12 5.43
C SER A 254 4.53 -9.04 3.90
N ARG A 255 4.24 -7.90 3.29
CA ARG A 255 4.22 -7.84 1.81
C ARG A 255 5.49 -7.25 1.23
N ALA A 256 6.44 -6.94 2.11
CA ALA A 256 7.67 -6.23 1.76
C ALA A 256 8.37 -6.72 0.51
N SER A 257 8.30 -8.00 0.23
CA SER A 257 9.14 -8.58 -0.81
C SER A 257 8.39 -8.87 -2.09
N GLU A 258 7.13 -8.47 -2.14
CA GLU A 258 6.29 -8.63 -3.33
C GLU A 258 6.95 -8.11 -4.59
N GLN A 259 7.74 -7.05 -4.47
CA GLN A 259 8.55 -6.55 -5.56
C GLN A 259 9.80 -5.81 -5.03
N ILE A 260 10.85 -5.83 -5.84
CA ILE A 260 12.18 -5.46 -5.38
C ILE A 260 12.29 -4.01 -4.93
N LEU A 261 11.54 -3.12 -5.59
CA LEU A 261 11.58 -1.74 -5.16
C LEU A 261 10.81 -1.53 -3.86
N LEU A 262 9.83 -2.38 -3.56
CA LEU A 262 9.17 -2.25 -2.25
C LEU A 262 10.15 -2.69 -1.18
N ALA A 263 10.79 -3.85 -1.40
CA ALA A 263 11.84 -4.41 -0.51
C ALA A 263 12.92 -3.37 -0.24
N THR A 264 13.33 -2.72 -1.33
CA THR A 264 14.35 -1.70 -1.31
C THR A 264 13.98 -0.58 -0.36
N VAL A 265 12.77 -0.08 -0.48
CA VAL A 265 12.34 1.02 0.38
C VAL A 265 12.14 0.61 1.85
N HIS A 266 11.83 -0.66 2.08
CA HIS A 266 11.74 -1.19 3.43
C HIS A 266 13.11 -1.17 4.06
N THR A 267 14.13 -1.38 3.23
CA THR A 267 15.52 -1.41 3.69
C THR A 267 16.02 -0.03 4.08
N LEU A 268 15.68 0.96 3.29
CA LEU A 268 15.98 2.32 3.71
C LEU A 268 15.30 2.63 5.06
N LEU A 269 14.12 2.07 5.26
CA LEU A 269 13.33 2.33 6.45
C LEU A 269 13.90 1.65 7.69
N LEU A 270 14.46 0.46 7.52
CA LEU A 270 15.15 -0.19 8.64
C LEU A 270 16.39 0.63 9.07
N ARG A 271 17.20 1.05 8.11
CA ARG A 271 18.49 1.68 8.42
C ARG A 271 18.29 3.00 9.13
N GLU A 272 17.30 3.76 8.68
CA GLU A 272 17.00 5.04 9.30
C GLU A 272 16.73 4.83 10.77
N HIS A 273 16.04 3.75 11.11
CA HIS A 273 15.76 3.43 12.51
C HIS A 273 17.04 3.16 13.31
N ASN A 274 17.83 2.21 12.84
CA ASN A 274 19.13 1.93 13.41
C ASN A 274 20.04 3.17 13.49
N ARG A 275 20.17 3.89 12.39
CA ARG A 275 20.92 5.13 12.36
C ARG A 275 20.47 6.05 13.48
N LEU A 276 19.17 6.05 13.76
CA LEU A 276 18.59 6.98 14.74
C LEU A 276 18.84 6.53 16.16
N ALA A 277 18.83 5.22 16.38
CA ALA A 277 19.04 4.66 17.72
C ALA A 277 20.50 4.79 18.14
N ARG A 278 21.40 4.80 17.15
CA ARG A 278 22.83 5.05 17.38
C ARG A 278 23.09 6.48 17.84
N GLU A 279 22.54 7.46 17.12
CA GLU A 279 22.69 8.87 17.49
C GLU A 279 22.12 9.20 18.88
N LEU A 280 20.96 8.61 19.19
CA LEU A 280 20.31 8.81 20.48
C LEU A 280 21.19 8.29 21.61
N LYS A 281 21.85 7.16 21.38
CA LYS A 281 22.81 6.62 22.33
C LYS A 281 23.90 7.65 22.63
N ARG A 282 24.65 8.04 21.60
CA ARG A 282 25.71 9.05 21.73
C ARG A 282 25.31 10.31 22.53
N LEU A 283 24.07 10.76 22.34
CA LEU A 283 23.53 11.95 23.03
C LEU A 283 22.83 11.62 24.33
N ASN A 284 22.46 10.35 24.52
CA ASN A 284 21.78 9.91 25.75
C ASN A 284 22.23 8.49 26.13
N PRO A 285 23.48 8.34 26.60
CA PRO A 285 24.03 7.01 26.84
C PRO A 285 23.43 6.41 28.09
N HIS A 286 22.72 7.23 28.85
CA HIS A 286 22.02 6.77 30.03
C HIS A 286 20.72 6.03 29.70
N TRP A 287 20.10 6.34 28.56
CA TRP A 287 18.84 5.67 28.16
C TRP A 287 19.02 4.17 27.91
N ASP A 288 17.99 3.39 28.22
CA ASP A 288 17.98 1.95 27.96
C ASP A 288 17.57 1.60 26.51
N GLY A 289 17.68 0.32 26.14
CA GLY A 289 17.30 -0.14 24.81
C GLY A 289 15.91 0.29 24.38
N GLU A 290 14.91 -0.08 25.20
CA GLU A 290 13.49 0.19 24.96
C GLU A 290 13.21 1.65 24.60
N MET A 291 13.78 2.58 25.35
CA MET A 291 13.53 3.99 25.06
C MET A 291 14.17 4.41 23.75
N LEU A 292 15.40 3.95 23.53
CA LEU A 292 16.13 4.18 22.28
C LEU A 292 15.29 3.71 21.11
N TYR A 293 14.84 2.46 21.17
CA TYR A 293 13.89 1.92 20.21
C TYR A 293 12.67 2.85 20.05
N GLN A 294 11.88 3.01 21.11
CA GLN A 294 10.70 3.84 21.07
C GLN A 294 10.97 5.23 20.49
N GLU A 295 11.96 5.95 21.02
CA GLU A 295 12.25 7.31 20.53
C GLU A 295 12.66 7.31 19.05
N ALA A 296 13.33 6.25 18.61
CA ALA A 296 13.63 6.05 17.18
C ALA A 296 12.33 5.84 16.36
N ARG A 297 11.57 4.82 16.76
CA ARG A 297 10.23 4.54 16.24
C ARG A 297 9.37 5.80 16.15
N LYS A 298 9.32 6.55 17.25
CA LYS A 298 8.65 7.85 17.30
C LYS A 298 9.17 8.81 16.22
N ILE A 299 10.49 8.85 16.04
CA ILE A 299 11.09 9.73 15.05
C ILE A 299 10.74 9.30 13.63
N LEU A 300 10.83 7.99 13.36
CA LEU A 300 10.54 7.44 12.03
C LEU A 300 9.08 7.64 11.62
N GLY A 301 8.18 7.52 12.61
CA GLY A 301 6.75 7.64 12.36
C GLY A 301 6.36 9.03 11.93
N ALA A 302 6.90 10.03 12.64
CA ALA A 302 6.80 11.41 12.22
C ALA A 302 7.35 11.59 10.82
N PHE A 303 8.56 11.07 10.56
CA PHE A 303 9.21 11.17 9.24
C PHE A 303 8.26 10.73 8.14
N ILE A 304 7.55 9.62 8.34
CA ILE A 304 6.67 9.11 7.29
C ILE A 304 5.48 10.03 7.11
N GLN A 305 5.06 10.70 8.19
CA GLN A 305 3.85 11.53 8.17
C GLN A 305 4.12 12.82 7.42
N ILE A 306 5.29 13.40 7.67
CA ILE A 306 5.71 14.63 6.99
C ILE A 306 5.83 14.32 5.51
N ILE A 307 6.68 13.37 5.16
CA ILE A 307 6.92 13.07 3.77
C ILE A 307 5.60 12.86 3.00
N THR A 308 4.69 12.10 3.61
CA THR A 308 3.42 11.76 2.99
C THR A 308 2.56 12.99 2.84
N PHE A 309 2.48 13.75 3.93
CA PHE A 309 1.57 14.88 4.02
C PHE A 309 2.10 16.18 3.45
N ARG A 310 3.39 16.42 3.60
CA ARG A 310 4.02 17.59 3.00
C ARG A 310 4.38 17.38 1.51
N ASP A 311 4.84 16.18 1.17
CA ASP A 311 5.37 15.93 -0.18
C ASP A 311 4.47 15.03 -1.06
N TYR A 312 3.95 13.94 -0.50
CA TYR A 312 3.20 13.00 -1.32
C TYR A 312 1.82 13.51 -1.79
N LEU A 313 0.91 13.72 -0.83
CA LEU A 313 -0.50 14.06 -1.09
C LEU A 313 -0.77 15.33 -1.90
N PRO A 314 0.01 16.36 -1.77
CA PRO A 314 -0.25 17.51 -2.61
C PRO A 314 -0.12 17.14 -4.08
N ILE A 315 0.80 16.29 -4.41
CA ILE A 315 1.02 15.94 -5.81
C ILE A 315 0.19 14.74 -6.31
N VAL A 316 -0.53 14.06 -5.36
CA VAL A 316 -1.59 13.13 -5.75
C VAL A 316 -2.84 13.95 -5.85
N LEU A 317 -3.10 14.77 -4.85
CA LEU A 317 -4.38 15.44 -4.76
C LEU A 317 -4.46 16.75 -5.55
N GLY A 318 -3.34 17.44 -5.67
CA GLY A 318 -3.31 18.65 -6.50
C GLY A 318 -4.37 19.65 -6.08
N SER A 319 -5.27 19.99 -6.99
CA SER A 319 -6.17 21.10 -6.75
C SER A 319 -7.14 20.79 -5.61
N GLU A 320 -7.48 19.52 -5.44
CA GLU A 320 -8.43 19.11 -4.41
C GLU A 320 -7.77 19.01 -3.04
N MET A 321 -6.45 19.10 -2.97
CA MET A 321 -5.76 18.97 -1.68
C MET A 321 -6.42 19.80 -0.57
N GLN A 322 -6.44 21.13 -0.73
CA GLN A 322 -6.86 22.07 0.33
C GLN A 322 -8.31 21.88 0.71
N LYS A 323 -9.13 21.56 -0.28
CA LYS A 323 -10.54 21.28 -0.08
C LYS A 323 -10.79 20.16 0.92
N TRP A 324 -9.99 19.09 0.81
CA TRP A 324 -10.19 17.87 1.62
C TRP A 324 -9.27 17.80 2.80
N ILE A 325 -8.15 18.50 2.71
CA ILE A 325 -7.12 18.41 3.74
C ILE A 325 -6.65 19.83 4.08
N PRO A 326 -7.45 20.55 4.90
CA PRO A 326 -7.14 21.88 5.38
C PRO A 326 -5.89 21.82 6.23
N PRO A 327 -5.16 22.92 6.36
CA PRO A 327 -3.98 22.81 7.22
C PRO A 327 -4.36 22.41 8.66
N TYR A 328 -3.42 21.80 9.37
CA TYR A 328 -3.69 21.14 10.66
C TYR A 328 -4.30 22.08 11.68
N GLN A 329 -5.34 21.61 12.39
CA GLN A 329 -6.02 22.36 13.47
C GLN A 329 -5.89 21.70 14.84
N GLY A 330 -5.18 20.58 14.91
CA GLY A 330 -5.05 19.79 16.15
C GLY A 330 -5.91 18.54 16.23
N TYR A 331 -5.56 17.67 17.17
CA TYR A 331 -6.27 16.42 17.41
C TYR A 331 -7.75 16.67 17.71
N ASN A 332 -8.63 15.94 17.02
CA ASN A 332 -10.05 15.87 17.35
C ASN A 332 -10.43 14.41 17.65
N ASN A 333 -10.79 14.11 18.90
CA ASN A 333 -11.10 12.75 19.33
C ASN A 333 -12.39 12.19 18.73
N SER A 334 -13.20 13.07 18.14
CA SER A 334 -14.46 12.67 17.51
C SER A 334 -14.30 12.15 16.08
N VAL A 335 -13.13 12.38 15.51
CA VAL A 335 -12.82 11.82 14.20
C VAL A 335 -12.59 10.32 14.31
N ASP A 336 -13.24 9.60 13.40
CA ASP A 336 -12.98 8.19 13.13
C ASP A 336 -11.63 8.03 12.40
N PRO A 337 -10.62 7.46 13.08
CA PRO A 337 -9.32 7.35 12.43
C PRO A 337 -9.19 6.06 11.61
N ARG A 338 -10.26 5.26 11.54
CA ARG A 338 -10.21 3.95 10.90
C ARG A 338 -10.08 4.12 9.39
N ILE A 339 -9.25 3.27 8.78
CA ILE A 339 -9.23 3.19 7.33
C ILE A 339 -10.56 2.61 6.95
N SER A 340 -11.14 3.13 5.87
CA SER A 340 -12.43 2.64 5.38
C SER A 340 -12.25 1.56 4.32
N ASN A 341 -13.31 0.78 4.08
CA ASN A 341 -13.19 -0.32 3.15
C ASN A 341 -12.95 0.20 1.71
N VAL A 342 -13.61 1.29 1.32
CA VAL A 342 -13.47 1.85 -0.02
C VAL A 342 -12.07 2.42 -0.26
N PHE A 343 -11.39 2.87 0.80
CA PHE A 343 -10.03 3.41 0.65
C PHE A 343 -9.07 2.31 0.19
N THR A 344 -9.26 1.10 0.69
CA THR A 344 -8.35 0.04 0.27
C THR A 344 -8.52 -0.23 -1.24
N PHE A 345 -9.57 0.33 -1.83
CA PHE A 345 -9.73 0.24 -3.28
C PHE A 345 -9.29 1.54 -3.95
N ALA A 346 -9.68 2.69 -3.39
CA ALA A 346 -9.31 3.97 -3.93
C ALA A 346 -7.79 4.13 -4.08
N PHE A 347 -7.06 3.64 -3.09
CA PHE A 347 -5.61 3.79 -3.06
C PHE A 347 -4.96 2.87 -4.10
N ARG A 348 -5.72 1.91 -4.63
CA ARG A 348 -5.20 1.06 -5.69
C ARG A 348 -5.05 1.81 -7.01
N PHE A 349 -5.12 3.13 -6.95
CA PHE A 349 -4.95 3.92 -8.16
C PHE A 349 -3.49 3.75 -8.60
N GLY A 350 -2.67 3.52 -7.59
CA GLY A 350 -1.23 3.32 -7.75
C GLY A 350 -0.93 2.19 -8.71
N HIS A 351 -1.88 1.27 -8.87
CA HIS A 351 -1.69 0.18 -9.81
C HIS A 351 -1.45 0.68 -11.24
N MET A 352 -2.08 1.73 -11.63
CA MET A 352 -2.00 2.28 -12.99
C MET A 352 -0.74 3.13 -13.17
N GLU A 353 0.03 3.26 -12.09
CA GLU A 353 1.23 4.06 -12.11
C GLU A 353 2.48 3.19 -12.22
N VAL A 354 2.31 1.88 -12.16
CA VAL A 354 3.44 0.98 -12.18
C VAL A 354 3.90 0.74 -13.64
N PRO A 355 5.17 0.98 -13.96
CA PRO A 355 5.59 0.77 -15.34
C PRO A 355 6.20 -0.63 -15.58
N SER A 356 6.52 -0.91 -16.84
CA SER A 356 6.86 -2.25 -17.33
C SER A 356 8.23 -2.76 -16.90
N THR A 357 9.14 -1.87 -16.53
CA THR A 357 10.52 -2.27 -16.26
C THR A 357 11.20 -1.58 -15.05
N VAL A 358 12.29 -2.16 -14.57
CA VAL A 358 13.06 -1.58 -13.47
C VAL A 358 14.56 -1.48 -13.83
N SER A 359 15.18 -0.33 -13.56
CA SER A 359 16.57 -0.13 -13.91
C SER A 359 17.49 -0.10 -12.69
N ARG A 360 18.76 -0.40 -12.95
CA ARG A 360 19.81 -0.23 -11.94
C ARG A 360 20.84 0.72 -12.51
N LEU A 361 21.22 1.73 -11.74
CA LEU A 361 22.05 2.81 -12.25
C LEU A 361 23.31 3.03 -11.42
N ASP A 362 24.46 3.15 -12.09
CA ASP A 362 25.73 3.27 -11.39
C ASP A 362 26.00 4.69 -10.92
N GLU A 363 27.21 4.96 -10.42
CA GLU A 363 27.48 6.25 -9.79
C GLU A 363 27.40 7.46 -10.72
N ASN A 364 27.48 7.21 -12.02
CA ASN A 364 27.25 8.24 -13.05
C ASN A 364 25.81 8.21 -13.55
N TYR A 365 24.96 7.45 -12.83
CA TYR A 365 23.54 7.21 -13.17
C TYR A 365 23.36 6.65 -14.55
N GLN A 366 24.28 5.75 -14.89
CA GLN A 366 24.32 5.09 -16.18
C GLN A 366 24.02 3.60 -16.01
N PRO A 367 23.52 2.94 -17.07
CA PRO A 367 23.06 1.55 -16.99
C PRO A 367 24.05 0.58 -16.34
N TRP A 368 23.94 0.45 -15.02
CA TRP A 368 24.73 -0.50 -14.24
C TRP A 368 24.67 -1.91 -14.83
N GLY A 369 25.78 -2.34 -15.43
CA GLY A 369 25.89 -3.68 -16.00
C GLY A 369 25.14 -3.84 -17.30
N PRO A 370 25.28 -5.01 -17.95
CA PRO A 370 24.68 -5.31 -19.26
C PRO A 370 23.17 -5.50 -19.20
N GLU A 371 22.69 -6.10 -18.12
CA GLU A 371 21.26 -6.31 -17.92
C GLU A 371 20.78 -5.35 -16.85
N ALA A 372 20.99 -4.08 -17.11
CA ALA A 372 20.65 -3.00 -16.17
C ALA A 372 19.14 -2.85 -15.99
N GLU A 373 18.41 -3.10 -17.06
CA GLU A 373 17.00 -2.89 -17.07
C GLU A 373 16.34 -4.26 -17.20
N LEU A 374 15.33 -4.50 -16.36
CA LEU A 374 14.70 -5.80 -16.30
C LEU A 374 13.21 -5.57 -16.39
N PRO A 375 12.45 -6.56 -16.86
CA PRO A 375 10.99 -6.42 -16.85
C PRO A 375 10.44 -6.62 -15.45
N LEU A 376 9.37 -5.89 -15.10
CA LEU A 376 8.86 -5.88 -13.74
C LEU A 376 8.51 -7.30 -13.26
N HIS A 377 7.89 -8.10 -14.11
CA HIS A 377 7.49 -9.44 -13.69
C HIS A 377 8.63 -10.33 -13.15
N THR A 378 9.84 -10.20 -13.67
CA THR A 378 10.97 -11.01 -13.17
C THR A 378 11.43 -10.55 -11.80
N LEU A 379 10.82 -9.47 -11.31
CA LEU A 379 11.20 -8.89 -10.03
C LEU A 379 10.15 -9.12 -8.91
N PHE A 380 9.06 -9.83 -9.17
CA PHE A 380 8.21 -10.21 -8.06
C PHE A 380 8.89 -11.23 -7.11
N PHE A 381 8.84 -10.94 -5.80
CA PHE A 381 9.40 -11.83 -4.74
C PHE A 381 10.84 -12.25 -5.03
N ASN A 382 11.61 -11.26 -5.45
CA ASN A 382 12.95 -11.42 -5.94
C ASN A 382 13.83 -10.59 -5.03
N THR A 383 14.49 -11.27 -4.10
CA THR A 383 15.42 -10.63 -3.22
C THR A 383 16.81 -10.91 -3.73
N TRP A 384 16.92 -12.01 -4.48
CA TRP A 384 18.21 -12.45 -4.98
C TRP A 384 18.95 -11.40 -5.82
N ARG A 385 18.19 -10.57 -6.55
CA ARG A 385 18.79 -9.48 -7.32
C ARG A 385 19.35 -8.36 -6.43
N ILE A 386 19.01 -8.34 -5.14
CA ILE A 386 19.54 -7.30 -4.25
C ILE A 386 20.84 -7.77 -3.59
N ILE A 387 20.78 -8.96 -3.02
CA ILE A 387 21.88 -9.53 -2.25
C ILE A 387 22.97 -10.08 -3.16
N LYS A 388 22.56 -10.63 -4.30
CA LYS A 388 23.50 -11.22 -5.24
C LYS A 388 23.84 -10.43 -6.49
N ASP A 389 23.41 -9.17 -6.51
CA ASP A 389 23.63 -8.31 -7.65
C ASP A 389 23.74 -6.80 -7.55
N GLY A 390 24.31 -6.23 -6.51
CA GLY A 390 24.53 -4.77 -6.49
C GLY A 390 24.11 -4.00 -5.25
N GLY A 391 23.37 -4.64 -4.35
CA GLY A 391 22.77 -3.97 -3.21
C GLY A 391 21.55 -3.12 -3.57
N ILE A 392 21.24 -2.24 -2.63
CA ILE A 392 20.10 -1.33 -2.72
C ILE A 392 20.39 -0.08 -3.57
N ASP A 393 21.62 0.45 -3.42
CA ASP A 393 21.99 1.73 -4.03
C ASP A 393 21.67 1.90 -5.53
N PRO A 394 22.03 0.90 -6.38
CA PRO A 394 21.68 1.07 -7.79
C PRO A 394 20.18 1.19 -8.01
N LEU A 395 19.38 0.47 -7.22
CA LEU A 395 17.93 0.51 -7.37
C LEU A 395 17.34 1.84 -6.86
N VAL A 396 17.88 2.31 -5.75
CA VAL A 396 17.52 3.60 -5.17
C VAL A 396 17.84 4.74 -6.12
N ARG A 397 18.74 4.46 -7.06
CA ARG A 397 19.09 5.40 -8.11
C ARG A 397 18.06 5.32 -9.23
N GLY A 398 17.70 4.09 -9.57
CA GLY A 398 16.59 3.86 -10.48
C GLY A 398 15.34 4.64 -10.06
N LEU A 399 14.97 4.55 -8.79
CA LEU A 399 13.81 5.30 -8.25
C LEU A 399 13.91 6.84 -8.43
N LEU A 400 15.11 7.40 -8.33
CA LEU A 400 15.29 8.86 -8.48
C LEU A 400 15.16 9.36 -9.92
N ALA A 401 15.69 8.58 -10.87
CA ALA A 401 15.99 9.07 -12.23
C ALA A 401 15.12 8.45 -13.30
N LYS A 402 14.28 7.49 -12.92
CA LYS A 402 13.36 6.98 -13.89
C LYS A 402 11.97 7.46 -13.53
N ASN A 403 11.00 7.15 -14.38
CA ASN A 403 9.64 7.68 -14.26
C ASN A 403 8.59 6.65 -13.84
N SER A 404 7.65 7.07 -13.01
CA SER A 404 6.41 6.33 -12.83
C SER A 404 5.71 6.30 -14.16
N LYS A 405 4.85 5.30 -14.34
CA LYS A 405 3.89 5.30 -15.42
C LYS A 405 2.85 6.42 -15.18
N LEU A 406 2.38 7.01 -16.28
CA LEU A 406 1.24 7.92 -16.26
C LEU A 406 -0.03 7.11 -16.39
N MET A 407 -1.05 7.46 -15.63
CA MET A 407 -2.34 6.83 -15.88
C MET A 407 -2.83 7.35 -17.24
N ASN A 408 -3.61 6.53 -17.93
CA ASN A 408 -4.00 6.80 -19.30
C ASN A 408 -5.22 5.93 -19.59
N GLN A 409 -6.28 6.55 -20.11
CA GLN A 409 -7.55 5.89 -20.22
C GLN A 409 -7.56 4.75 -21.23
N ASN A 410 -6.53 4.72 -22.07
CA ASN A 410 -6.45 3.76 -23.15
C ASN A 410 -5.30 2.82 -22.86
N LYS A 411 -4.54 3.14 -21.82
CA LYS A 411 -3.37 2.34 -21.40
C LYS A 411 -3.27 2.28 -19.88
N MET A 412 -4.13 1.47 -19.25
CA MET A 412 -4.34 1.60 -17.81
C MET A 412 -3.29 0.85 -16.98
N VAL A 413 -3.28 -0.48 -17.09
CA VAL A 413 -2.46 -1.29 -16.25
C VAL A 413 -1.59 -2.13 -17.14
N THR A 414 -0.28 -2.11 -16.86
CA THR A 414 0.66 -2.80 -17.72
C THR A 414 0.50 -4.30 -17.60
N SER A 415 0.92 -4.96 -18.67
CA SER A 415 0.82 -6.39 -18.74
C SER A 415 1.70 -7.13 -17.74
N GLU A 416 2.73 -6.45 -17.22
CA GLU A 416 3.57 -7.13 -16.25
C GLU A 416 2.70 -7.49 -15.05
N LEU A 417 1.73 -6.62 -14.75
CA LEU A 417 0.77 -6.85 -13.68
C LEU A 417 -0.51 -7.44 -14.20
N ARG A 418 -0.94 -7.01 -15.39
CA ARG A 418 -2.27 -7.40 -15.87
C ARG A 418 -2.32 -8.83 -16.39
N ASN A 419 -1.13 -9.39 -16.65
CA ASN A 419 -1.02 -10.74 -17.19
C ASN A 419 0.05 -11.56 -16.50
N LYS A 420 1.10 -10.92 -16.00
CA LYS A 420 2.28 -11.65 -15.59
C LYS A 420 2.57 -11.53 -14.10
N LEU A 421 1.51 -11.37 -13.31
CA LEU A 421 1.67 -11.21 -11.87
C LEU A 421 1.98 -12.57 -11.23
N PHE A 422 3.01 -12.63 -10.41
CA PHE A 422 3.25 -13.83 -9.61
C PHE A 422 2.54 -13.72 -8.24
N GLN A 423 1.81 -14.75 -7.87
CA GLN A 423 1.30 -14.87 -6.50
C GLN A 423 1.90 -16.05 -5.77
N PRO A 424 2.18 -15.95 -4.48
CA PRO A 424 2.90 -16.91 -3.61
C PRO A 424 2.56 -18.42 -3.65
N THR A 425 1.28 -18.81 -3.59
CA THR A 425 0.97 -20.26 -3.54
C THR A 425 0.97 -20.88 -4.93
N HIS A 426 0.70 -20.02 -5.91
CA HIS A 426 0.55 -20.47 -7.28
C HIS A 426 1.82 -20.52 -7.96
N LYS A 427 1.87 -20.74 -9.23
CA LYS A 427 3.17 -21.11 -9.80
C LYS A 427 3.64 -20.27 -10.95
N VAL A 428 2.70 -19.86 -11.78
CA VAL A 428 2.99 -19.16 -13.02
C VAL A 428 3.08 -17.65 -12.85
N HIS A 429 3.99 -17.00 -13.59
CA HIS A 429 3.94 -15.55 -13.73
C HIS A 429 2.79 -15.29 -14.69
N GLY A 430 1.58 -15.41 -14.16
CA GLY A 430 0.41 -15.54 -15.02
C GLY A 430 -0.90 -14.96 -14.55
N PHE A 431 -0.87 -14.16 -13.48
CA PHE A 431 -2.12 -13.59 -12.93
C PHE A 431 -2.40 -12.18 -13.42
N ASP A 432 -3.54 -11.63 -13.02
CA ASP A 432 -4.04 -10.34 -13.48
C ASP A 432 -4.45 -9.48 -12.29
N LEU A 433 -3.58 -8.55 -11.90
CA LEU A 433 -3.87 -7.67 -10.79
C LEU A 433 -5.17 -6.83 -10.96
N ALA A 434 -5.55 -6.54 -12.20
CA ALA A 434 -6.76 -5.76 -12.48
C ALA A 434 -8.00 -6.60 -12.22
N ALA A 435 -8.02 -7.82 -12.74
CA ALA A 435 -9.10 -8.77 -12.49
C ALA A 435 -9.31 -8.96 -11.00
N ILE A 436 -8.18 -9.09 -10.28
CA ILE A 436 -8.21 -9.32 -8.84
C ILE A 436 -8.85 -8.15 -8.12
N ASN A 437 -8.39 -6.93 -8.42
CA ASN A 437 -8.94 -5.70 -7.87
C ASN A 437 -10.46 -5.63 -8.01
N LEU A 438 -10.96 -6.09 -9.15
CA LEU A 438 -12.40 -6.00 -9.40
C LEU A 438 -13.13 -7.10 -8.67
N GLN A 439 -12.52 -8.28 -8.58
CA GLN A 439 -13.12 -9.41 -7.88
C GLN A 439 -13.16 -9.04 -6.40
N ARG A 440 -12.11 -8.38 -5.94
CA ARG A 440 -12.06 -7.91 -4.57
C ARG A 440 -13.14 -6.88 -4.23
N CYS A 441 -13.41 -5.92 -5.13
CA CYS A 441 -14.48 -4.91 -4.91
C CYS A 441 -15.74 -5.66 -4.53
N ARG A 442 -16.02 -6.71 -5.29
CA ARG A 442 -17.28 -7.43 -5.18
C ARG A 442 -17.31 -8.28 -3.91
N ASP A 443 -16.21 -9.02 -3.70
CA ASP A 443 -15.93 -9.76 -2.46
C ASP A 443 -16.15 -8.87 -1.21
N HIS A 444 -15.72 -7.62 -1.28
CA HIS A 444 -15.84 -6.69 -0.17
C HIS A 444 -17.21 -6.02 -0.06
N GLY A 445 -18.15 -6.38 -0.90
CA GLY A 445 -19.45 -5.72 -0.91
C GLY A 445 -19.44 -4.24 -1.23
N MET A 446 -18.66 -3.84 -2.22
CA MET A 446 -18.54 -2.41 -2.54
C MET A 446 -19.80 -1.85 -3.18
N PRO A 447 -20.23 -0.67 -2.74
CA PRO A 447 -21.18 0.04 -3.59
C PRO A 447 -20.58 0.43 -4.96
N GLY A 448 -21.47 0.55 -5.93
CA GLY A 448 -21.10 0.85 -7.29
C GLY A 448 -20.71 2.29 -7.42
N TYR A 449 -20.22 2.65 -8.61
CA TYR A 449 -19.67 3.97 -8.93
C TYR A 449 -20.59 5.13 -8.60
N ASN A 450 -21.89 5.01 -8.86
CA ASN A 450 -22.77 6.16 -8.63
C ASN A 450 -23.10 6.45 -7.18
N SER A 451 -23.19 5.38 -6.39
CA SER A 451 -23.27 5.52 -4.94
C SER A 451 -22.14 6.42 -4.49
N TRP A 452 -20.93 6.15 -4.99
CA TRP A 452 -19.75 6.90 -4.54
C TRP A 452 -19.69 8.30 -5.10
N ARG A 453 -20.17 8.49 -6.34
CA ARG A 453 -20.34 9.84 -6.88
C ARG A 453 -21.33 10.61 -6.01
N GLY A 454 -22.48 9.97 -5.72
CA GLY A 454 -23.45 10.47 -4.75
C GLY A 454 -22.77 10.89 -3.46
N PHE A 455 -22.08 9.95 -2.81
CA PHE A 455 -21.36 10.21 -1.55
C PHE A 455 -20.47 11.45 -1.57
N CYS A 456 -19.94 11.78 -2.73
CA CYS A 456 -18.90 12.81 -2.89
C CYS A 456 -19.44 14.12 -3.49
N GLY A 457 -20.77 14.22 -3.61
CA GLY A 457 -21.40 15.47 -4.01
C GLY A 457 -21.07 15.78 -5.45
N LEU A 458 -21.01 14.71 -6.26
CA LEU A 458 -20.81 14.79 -7.70
C LEU A 458 -21.96 14.16 -8.49
N SER A 459 -22.13 14.64 -9.71
CA SER A 459 -23.18 14.22 -10.59
C SER A 459 -23.15 12.71 -10.74
N GLN A 460 -24.32 12.11 -10.96
CA GLN A 460 -24.44 10.66 -11.14
C GLN A 460 -24.99 10.33 -12.54
N PRO A 461 -24.09 10.02 -13.49
CA PRO A 461 -24.47 9.68 -14.87
C PRO A 461 -25.36 8.44 -14.94
N LYS A 462 -26.35 8.48 -15.83
CA LYS A 462 -27.30 7.39 -16.01
C LYS A 462 -27.32 6.84 -17.44
N THR A 463 -26.76 7.62 -18.35
CA THR A 463 -26.77 7.31 -19.78
C THR A 463 -25.38 7.21 -20.34
N LEU A 464 -25.26 6.72 -21.56
CA LEU A 464 -23.97 6.72 -22.24
C LEU A 464 -23.39 8.12 -22.33
N LYS A 465 -24.20 9.06 -22.79
CA LYS A 465 -23.71 10.41 -23.07
C LYS A 465 -23.30 11.07 -21.76
N GLY A 466 -24.06 10.80 -20.69
CA GLY A 466 -23.73 11.32 -19.37
C GLY A 466 -22.35 10.88 -18.96
N LEU A 467 -22.11 9.57 -19.01
CA LEU A 467 -20.79 9.00 -18.77
C LEU A 467 -19.71 9.58 -19.70
N GLN A 468 -20.01 9.69 -21.00
CA GLN A 468 -19.11 10.37 -21.93
C GLN A 468 -18.68 11.72 -21.41
N ALA A 469 -19.65 12.54 -20.98
CA ALA A 469 -19.32 13.90 -20.50
C ALA A 469 -18.51 13.89 -19.20
N VAL A 470 -18.79 12.96 -18.30
CA VAL A 470 -18.02 12.86 -17.07
C VAL A 470 -16.59 12.32 -17.28
N LEU A 471 -16.44 11.25 -18.08
CA LEU A 471 -15.12 10.66 -18.34
C LEU A 471 -14.33 11.47 -19.35
N LYS A 472 -15.01 12.40 -20.01
CA LYS A 472 -14.46 13.09 -21.16
C LYS A 472 -13.83 12.10 -22.17
N ASN A 473 -14.58 11.03 -22.48
CA ASN A 473 -14.13 9.99 -23.40
C ASN A 473 -15.29 9.15 -23.93
N LYS A 474 -15.60 9.31 -25.20
CA LYS A 474 -16.66 8.53 -25.84
C LYS A 474 -16.36 7.04 -25.81
N VAL A 475 -15.16 6.65 -26.27
CA VAL A 475 -14.91 5.22 -26.45
C VAL A 475 -14.88 4.49 -25.10
N LEU A 476 -14.11 4.99 -24.16
CA LEU A 476 -14.09 4.43 -22.81
C LEU A 476 -15.51 4.27 -22.28
N ALA A 477 -16.26 5.37 -22.32
CA ALA A 477 -17.63 5.40 -21.81
C ALA A 477 -18.47 4.32 -22.48
N LYS A 478 -18.25 4.14 -23.77
CA LYS A 478 -19.00 3.18 -24.57
C LYS A 478 -18.71 1.75 -24.14
N LYS A 479 -17.42 1.45 -23.97
CA LYS A 479 -16.99 0.09 -23.61
C LYS A 479 -17.52 -0.27 -22.22
N LEU A 480 -17.54 0.70 -21.33
CA LEU A 480 -18.09 0.53 -20.00
C LEU A 480 -19.60 0.31 -20.01
N LEU A 481 -20.33 1.13 -20.76
CA LEU A 481 -21.77 0.92 -20.78
C LEU A 481 -22.11 -0.41 -21.45
N ASP A 482 -21.28 -0.83 -22.39
CA ASP A 482 -21.43 -2.13 -23.06
C ASP A 482 -21.24 -3.31 -22.11
N LEU A 483 -20.31 -3.13 -21.18
CA LEU A 483 -20.00 -4.13 -20.18
C LEU A 483 -20.94 -4.12 -18.99
N TYR A 484 -21.17 -2.93 -18.43
CA TYR A 484 -21.93 -2.72 -17.19
C TYR A 484 -23.40 -2.31 -17.36
N LYS A 485 -23.73 -1.79 -18.53
CA LYS A 485 -25.13 -1.47 -18.96
C LYS A 485 -25.80 -0.42 -18.07
N THR A 486 -25.08 0.12 -17.10
CA THR A 486 -25.58 1.24 -16.33
C THR A 486 -24.39 1.60 -15.48
N PRO A 487 -24.11 2.90 -15.37
CA PRO A 487 -23.00 3.31 -14.49
C PRO A 487 -23.19 2.87 -13.03
N ASP A 488 -24.42 2.86 -12.56
CA ASP A 488 -24.71 2.38 -11.20
C ASP A 488 -23.99 1.07 -10.87
N ASN A 489 -23.80 0.20 -11.87
CA ASN A 489 -23.15 -1.09 -11.68
C ASN A 489 -21.61 -1.10 -11.79
N ILE A 490 -21.03 -0.05 -12.36
CA ILE A 490 -19.59 -0.01 -12.59
C ILE A 490 -18.87 -0.12 -11.27
N ASP A 491 -17.95 -1.09 -11.18
CA ASP A 491 -17.09 -1.30 -10.02
C ASP A 491 -16.27 -0.04 -9.69
N ILE A 492 -16.21 0.33 -8.41
CA ILE A 492 -15.54 1.58 -8.02
C ILE A 492 -14.07 1.65 -8.43
N TRP A 493 -13.36 0.52 -8.40
CA TRP A 493 -11.92 0.55 -8.76
C TRP A 493 -11.75 1.06 -10.18
N ILE A 494 -12.45 0.45 -11.13
CA ILE A 494 -12.37 0.93 -12.50
C ILE A 494 -13.00 2.33 -12.64
N GLY A 495 -14.17 2.52 -12.05
CA GLY A 495 -14.93 3.77 -12.16
C GLY A 495 -14.16 5.01 -11.73
N GLY A 496 -13.50 4.93 -10.60
CA GLY A 496 -12.78 6.07 -10.07
C GLY A 496 -11.55 6.34 -10.89
N ASN A 497 -10.94 5.26 -11.37
CA ASN A 497 -9.67 5.33 -12.10
C ASN A 497 -9.85 5.79 -13.52
N ALA A 498 -11.04 5.58 -14.07
CA ALA A 498 -11.43 6.01 -15.42
C ALA A 498 -11.59 7.53 -15.56
N GLU A 499 -11.71 8.25 -14.45
CA GLU A 499 -12.02 9.68 -14.51
C GLU A 499 -10.77 10.49 -14.78
N PRO A 500 -10.85 11.54 -15.63
CA PRO A 500 -9.60 12.25 -15.94
C PRO A 500 -8.96 12.88 -14.70
N MET A 501 -7.65 13.06 -14.71
CA MET A 501 -6.96 13.68 -13.57
C MET A 501 -7.27 15.17 -13.35
N VAL A 502 -7.53 15.52 -12.10
CA VAL A 502 -7.69 16.89 -11.64
C VAL A 502 -6.41 17.71 -11.85
N GLU A 503 -6.58 19.01 -12.07
CA GLU A 503 -5.46 19.91 -12.31
C GLU A 503 -4.45 19.67 -11.20
N ARG A 504 -3.18 19.51 -11.57
CA ARG A 504 -2.01 19.43 -10.66
C ARG A 504 -1.87 18.16 -9.82
N GLY A 505 -2.75 17.17 -10.03
CA GLY A 505 -2.72 15.92 -9.28
C GLY A 505 -2.65 14.73 -10.21
N ARG A 506 -3.05 13.54 -9.71
CA ARG A 506 -2.88 12.30 -10.42
C ARG A 506 -4.03 11.33 -10.22
N VAL A 507 -5.09 11.84 -9.59
CA VAL A 507 -6.36 11.12 -9.51
C VAL A 507 -7.49 12.03 -9.94
N GLY A 508 -8.62 11.42 -10.27
CA GLY A 508 -9.84 12.16 -10.67
C GLY A 508 -10.62 12.66 -9.47
N PRO A 509 -11.70 13.42 -9.70
CA PRO A 509 -12.50 14.02 -8.62
C PRO A 509 -12.98 13.06 -7.54
N LEU A 510 -13.49 11.91 -7.97
CA LEU A 510 -14.12 10.99 -7.06
C LEU A 510 -13.05 10.46 -6.13
N LEU A 511 -11.95 10.00 -6.69
CA LEU A 511 -10.90 9.45 -5.88
C LEU A 511 -10.30 10.48 -4.96
N ALA A 512 -10.19 11.71 -5.43
CA ALA A 512 -9.56 12.74 -4.61
C ALA A 512 -10.45 13.02 -3.43
N CYS A 513 -11.76 12.84 -3.63
CA CYS A 513 -12.72 12.96 -2.55
C CYS A 513 -12.49 11.83 -1.56
N LEU A 514 -12.55 10.58 -2.02
CA LEU A 514 -12.33 9.39 -1.18
C LEU A 514 -10.98 9.44 -0.46
N LEU A 515 -9.91 9.54 -1.24
CA LEU A 515 -8.58 9.62 -0.66
C LEU A 515 -8.54 10.79 0.29
N GLY A 516 -9.01 11.95 -0.17
CA GLY A 516 -8.93 13.19 0.62
C GLY A 516 -9.51 13.07 2.03
N ARG A 517 -10.77 12.64 2.11
CA ARG A 517 -11.43 12.40 3.39
C ARG A 517 -10.59 11.48 4.30
N GLN A 518 -10.26 10.29 3.78
CA GLN A 518 -9.52 9.29 4.53
C GLN A 518 -8.26 9.81 5.16
N PHE A 519 -7.42 10.50 4.37
CA PHE A 519 -6.17 11.02 4.92
C PHE A 519 -6.38 12.10 5.95
N GLN A 520 -7.25 13.05 5.66
CA GLN A 520 -7.78 14.03 6.66
C GLN A 520 -8.18 13.32 7.96
N GLN A 521 -9.05 12.33 7.86
CA GLN A 521 -9.46 11.58 9.05
C GLN A 521 -8.30 10.88 9.80
N ILE A 522 -7.32 10.33 9.09
CA ILE A 522 -6.26 9.60 9.81
C ILE A 522 -5.27 10.55 10.51
N ARG A 523 -5.18 11.77 10.01
CA ARG A 523 -4.34 12.77 10.66
C ARG A 523 -5.11 13.44 11.81
N ASP A 524 -6.33 13.90 11.55
CA ASP A 524 -7.13 14.58 12.58
C ASP A 524 -7.48 13.67 13.73
N GLY A 525 -7.51 12.36 13.47
CA GLY A 525 -7.99 11.39 14.44
C GLY A 525 -6.89 10.72 15.24
N ASP A 526 -5.67 11.22 15.15
CA ASP A 526 -4.52 10.54 15.71
C ASP A 526 -3.89 11.31 16.87
N ARG A 527 -4.10 10.79 18.08
CA ARG A 527 -3.62 11.41 19.30
C ARG A 527 -2.11 11.61 19.30
N PHE A 528 -1.43 10.92 18.38
CA PHE A 528 0.03 10.95 18.31
C PHE A 528 0.61 11.60 17.03
N TRP A 529 -0.22 12.37 16.31
CA TRP A 529 0.24 13.07 15.11
C TRP A 529 1.40 13.97 15.47
N TRP A 530 2.43 13.98 14.65
CA TRP A 530 3.67 14.68 15.00
C TRP A 530 3.48 16.17 15.39
N GLU A 531 2.51 16.85 14.79
CA GLU A 531 2.27 18.26 15.03
C GLU A 531 1.29 18.52 16.17
N ASN A 532 0.59 17.47 16.60
CA ASN A 532 -0.30 17.60 17.77
C ASN A 532 0.51 18.08 18.95
N PRO A 533 0.12 19.25 19.52
CA PRO A 533 0.87 19.83 20.62
C PRO A 533 1.15 18.83 21.76
N GLY A 534 2.40 18.83 22.24
CA GLY A 534 2.78 17.99 23.35
C GLY A 534 3.24 16.61 22.95
N VAL A 535 3.07 16.26 21.66
CA VAL A 535 3.70 15.05 21.10
C VAL A 535 5.22 15.25 20.99
N PHE A 536 5.63 16.33 20.33
CA PHE A 536 7.03 16.73 20.33
C PHE A 536 7.19 18.09 20.99
N THR A 537 8.41 18.38 21.44
CA THR A 537 8.79 19.73 21.89
C THR A 537 8.85 20.63 20.65
N GLU A 538 8.56 21.92 20.82
CA GLU A 538 8.62 22.84 19.67
C GLU A 538 10.01 22.77 19.04
N LYS A 539 11.03 22.70 19.89
CA LYS A 539 12.42 22.48 19.47
C LYS A 539 12.57 21.21 18.62
N GLN A 540 11.99 20.10 19.09
CA GLN A 540 11.97 18.83 18.35
C GLN A 540 11.24 18.98 17.04
N ARG A 541 10.15 19.74 17.06
CA ARG A 541 9.32 19.97 15.88
C ARG A 541 9.92 20.89 14.81
N ASP A 542 11.01 21.59 15.14
CA ASP A 542 11.71 22.41 14.15
C ASP A 542 12.82 21.63 13.43
N SER A 543 13.39 20.65 14.13
CA SER A 543 14.32 19.69 13.51
C SER A 543 13.57 18.72 12.61
N LEU A 544 12.33 18.42 12.98
CA LEU A 544 11.48 17.53 12.20
C LEU A 544 11.07 18.11 10.84
N GLN A 545 10.76 19.41 10.81
CA GLN A 545 10.31 20.06 9.58
C GLN A 545 11.29 19.97 8.40
N LYS A 546 12.55 19.61 8.69
CA LYS A 546 13.64 19.67 7.70
C LYS A 546 14.04 18.33 7.07
N VAL A 547 13.33 17.25 7.44
CA VAL A 547 13.56 15.94 6.81
C VAL A 547 13.22 15.95 5.33
N SER A 548 13.87 15.06 4.59
CA SER A 548 13.60 14.89 3.17
C SER A 548 13.88 13.46 2.75
N PHE A 549 13.28 13.03 1.65
CA PHE A 549 13.58 11.71 1.16
C PHE A 549 14.99 11.69 0.64
N SER A 550 15.45 12.81 0.13
CA SER A 550 16.80 12.91 -0.36
C SER A 550 17.76 12.61 0.80
N ARG A 551 17.55 13.29 1.92
CA ARG A 551 18.36 13.13 3.11
C ARG A 551 18.29 11.69 3.63
N LEU A 552 17.12 11.07 3.55
CA LEU A 552 16.98 9.66 3.93
C LEU A 552 17.91 8.81 3.06
N ILE A 553 17.93 9.11 1.77
CA ILE A 553 18.83 8.43 0.85
C ILE A 553 20.30 8.65 1.24
N CYS A 554 20.68 9.91 1.44
CA CYS A 554 22.08 10.27 1.75
C CYS A 554 22.58 9.63 3.04
N ASP A 555 21.75 9.67 4.09
CA ASP A 555 22.09 9.08 5.38
C ASP A 555 22.12 7.55 5.39
N ASN A 556 21.56 6.90 4.37
CA ASN A 556 21.30 5.44 4.41
C ASN A 556 21.75 4.66 3.18
N THR A 557 22.61 5.27 2.37
CA THR A 557 23.14 4.63 1.16
C THR A 557 24.58 5.09 1.00
N HIS A 558 25.10 5.05 -0.22
CA HIS A 558 26.36 5.71 -0.52
C HIS A 558 26.16 6.48 -1.79
N ILE A 559 25.01 7.13 -1.85
CA ILE A 559 24.63 7.94 -2.99
C ILE A 559 24.88 9.36 -2.54
N THR A 560 25.51 10.15 -3.39
CA THR A 560 25.98 11.46 -2.97
C THR A 560 25.44 12.56 -3.88
N LYS A 561 24.67 12.16 -4.89
CA LYS A 561 23.96 13.13 -5.72
C LYS A 561 22.44 12.78 -5.82
N VAL A 562 21.62 13.68 -5.31
CA VAL A 562 20.19 13.45 -5.13
C VAL A 562 19.40 14.66 -5.63
N PRO A 563 18.11 14.48 -5.96
CA PRO A 563 17.33 15.65 -6.28
C PRO A 563 17.03 16.41 -5.03
N LEU A 564 16.57 17.64 -5.18
CA LEU A 564 16.04 18.39 -4.05
C LEU A 564 14.62 17.90 -3.74
N HIS A 565 13.86 17.63 -4.80
CA HIS A 565 12.49 17.20 -4.71
C HIS A 565 12.35 15.83 -5.37
N ALA A 566 12.23 14.79 -4.54
CA ALA A 566 12.41 13.41 -5.02
C ALA A 566 11.24 12.81 -5.77
N PHE A 567 10.06 13.39 -5.60
CA PHE A 567 8.89 12.83 -6.25
C PHE A 567 8.62 13.38 -7.65
N GLN A 568 9.15 14.55 -7.97
CA GLN A 568 8.99 15.10 -9.31
C GLN A 568 10.03 14.48 -10.25
N ALA A 569 9.82 14.59 -11.56
CA ALA A 569 10.78 14.05 -12.54
C ALA A 569 12.12 14.77 -12.48
N ASN A 570 13.18 14.01 -12.21
CA ASN A 570 14.53 14.55 -12.09
C ASN A 570 15.53 13.90 -13.03
N ASN A 571 16.33 14.75 -13.70
CA ASN A 571 17.25 14.26 -14.72
C ASN A 571 18.71 14.55 -14.40
N TYR A 572 19.55 13.54 -14.57
CA TYR A 572 20.95 13.61 -14.15
C TYR A 572 21.93 14.00 -15.30
N PRO A 573 22.94 14.83 -15.01
CA PRO A 573 23.25 15.41 -13.71
C PRO A 573 22.65 16.78 -13.45
N HIS A 574 21.73 17.22 -14.31
CA HIS A 574 21.11 18.55 -14.17
C HIS A 574 20.49 18.82 -12.79
N ASP A 575 19.44 18.09 -12.45
CA ASP A 575 18.65 18.36 -11.25
C ASP A 575 19.19 17.69 -10.01
N PHE A 576 20.49 17.41 -9.99
CA PHE A 576 21.12 16.69 -8.89
C PHE A 576 22.16 17.53 -8.16
N VAL A 577 22.26 17.35 -6.85
CA VAL A 577 23.11 18.16 -6.02
C VAL A 577 23.86 17.26 -5.04
N ASP A 578 24.99 17.73 -4.52
CA ASP A 578 25.70 16.89 -3.56
C ASP A 578 24.96 16.93 -2.25
N CYS A 579 25.03 15.81 -1.54
CA CYS A 579 24.27 15.59 -0.33
C CYS A 579 24.41 16.68 0.73
N SER A 580 25.57 17.33 0.75
CA SER A 580 25.85 18.31 1.80
C SER A 580 25.17 19.66 1.56
N ALA A 581 24.54 19.80 0.38
CA ALA A 581 23.66 20.94 0.12
C ALA A 581 22.30 20.80 0.86
N VAL A 582 22.13 19.67 1.55
CA VAL A 582 20.82 19.22 2.03
C VAL A 582 20.68 19.23 3.56
N ASP A 583 19.60 19.85 4.03
CA ASP A 583 19.27 19.90 5.47
C ASP A 583 19.33 18.50 6.05
N LYS A 584 19.80 18.38 7.30
CA LYS A 584 19.75 17.11 8.02
C LYS A 584 18.72 17.08 9.14
N LEU A 585 18.57 15.89 9.73
CA LEU A 585 17.75 15.73 10.91
C LEU A 585 18.62 15.96 12.16
N ASP A 586 18.72 17.22 12.56
CA ASP A 586 19.38 17.58 13.80
C ASP A 586 18.62 16.92 14.94
N LEU A 587 19.34 16.24 15.82
CA LEU A 587 18.71 15.52 16.94
C LEU A 587 19.08 16.16 18.29
N SER A 588 19.64 17.36 18.24
CA SER A 588 19.99 18.10 19.46
C SER A 588 18.81 18.23 20.43
N PRO A 589 17.61 18.57 19.92
CA PRO A 589 16.43 18.72 20.79
C PRO A 589 15.97 17.45 21.54
N TRP A 590 16.60 16.31 21.26
CA TRP A 590 16.21 15.03 21.86
C TRP A 590 17.10 14.62 23.02
N ALA A 591 18.26 15.26 23.10
CA ALA A 591 19.12 15.10 24.26
C ALA A 591 18.33 15.50 25.49
N SER A 592 18.13 14.56 26.40
CA SER A 592 17.54 14.83 27.71
C SER A 592 18.54 14.44 28.79
N ARG A 593 19.38 15.40 29.17
CA ARG A 593 20.38 15.20 30.23
C ARG A 593 19.72 15.07 31.62
N GLU A 594 20.45 14.44 32.55
CA GLU A 594 19.98 14.15 33.91
C GLU A 594 19.27 15.32 34.61
N ASN A 595 19.87 16.51 34.53
CA ASN A 595 19.36 17.69 35.22
C ASN A 595 18.91 18.79 34.26
#